data_6PSJ
#
_entry.id   6PSJ
#
_cell.length_a   103.195
_cell.length_b   56.491
_cell.length_c   87.627
_cell.angle_alpha   90.00
_cell.angle_beta   104.32
_cell.angle_gamma   90.00
#
_symmetry.space_group_name_H-M   'C 1 2 1'
#
loop_
_entity.id
_entity.type
_entity.pdbx_description
1 polymer 'Estrogen receptor'
2 non-polymer Bazedoxifene
3 water water
#
_entity_poly.entity_id   1
_entity_poly.type   'polypeptide(L)'
_entity_poly.pdbx_seq_one_letter_code
;HHHHHHENLYFQSMALSLTADQMVSALLDAEPPILYSEYDPTRPFSEASMMGLLTNLADRELVHMINWAKRVPGFVDLTL
HDQVHLLESAWLEILMIGLVWRSMEHPGKLLFAPNLLLDRNQGKSVEGMVEIFDMLLATSSRFRMMNLQGEEFVCLKSII
LLNSGVYTFLSSTLKSLEEKDHIHRVLDKITDTLIHLMAKAGLTLQQQHQRLAQLLLILSHIRHMSNKGMEHLYSMKSKN
VVPLSDLLLEMLDAHRLHAPTS
;
_entity_poly.pdbx_strand_id   A,B
#
loop_
_chem_comp.id
_chem_comp.type
_chem_comp.name
_chem_comp.formula
29S non-polymer Bazedoxifene 'C30 H34 N2 O3'
#
# COMPACT_ATOMS: atom_id res chain seq x y z
N ALA A 15 0.23 3.59 -25.66
CA ALA A 15 -0.10 3.52 -24.24
C ALA A 15 0.17 4.85 -23.58
N LEU A 16 1.36 5.32 -23.75
CA LEU A 16 1.66 6.58 -23.19
C LEU A 16 1.05 7.72 -23.99
N SER A 17 0.53 7.44 -25.18
CA SER A 17 -0.01 8.50 -25.98
C SER A 17 -1.52 8.55 -25.84
N LEU A 18 -2.11 7.67 -25.06
CA LEU A 18 -3.53 7.67 -24.89
C LEU A 18 -4.03 8.88 -24.11
N THR A 19 -5.22 9.34 -24.39
CA THR A 19 -5.84 10.33 -23.56
C THR A 19 -6.52 9.69 -22.37
N ALA A 20 -6.96 10.54 -21.45
CA ALA A 20 -7.68 10.12 -20.28
C ALA A 20 -8.97 9.40 -20.63
N ASP A 21 -9.72 9.96 -21.53
CA ASP A 21 -10.95 9.35 -21.96
C ASP A 21 -10.70 7.96 -22.62
N GLN A 22 -9.63 7.89 -23.39
CA GLN A 22 -9.18 6.66 -24.02
C GLN A 22 -8.60 5.65 -23.05
N MET A 23 -7.93 6.10 -22.00
CA MET A 23 -7.52 5.22 -20.94
C MET A 23 -8.75 4.59 -20.29
N VAL A 24 -9.72 5.43 -19.88
CA VAL A 24 -10.92 4.95 -19.24
C VAL A 24 -11.58 3.91 -20.11
N SER A 25 -11.69 4.25 -21.37
CA SER A 25 -12.37 3.40 -22.34
CA SER A 25 -12.37 3.43 -22.33
C SER A 25 -11.72 2.04 -22.43
N ALA A 26 -10.41 2.02 -22.60
CA ALA A 26 -9.67 0.77 -22.62
C ALA A 26 -9.82 -0.07 -21.35
N LEU A 27 -9.84 0.59 -20.20
CA LEU A 27 -9.96 -0.10 -18.96
C LEU A 27 -11.34 -0.70 -18.79
N LEU A 28 -12.37 0.04 -19.12
CA LEU A 28 -13.72 -0.51 -19.03
C LEU A 28 -13.91 -1.69 -19.96
N ASP A 29 -13.39 -1.58 -21.15
CA ASP A 29 -13.47 -2.67 -22.12
C ASP A 29 -12.77 -3.91 -21.65
N ALA A 30 -11.69 -3.74 -20.90
CA ALA A 30 -10.85 -4.84 -20.47
C ALA A 30 -11.41 -5.66 -19.28
N GLU A 31 -12.43 -5.13 -18.65
CA GLU A 31 -13.03 -5.74 -17.48
C GLU A 31 -13.36 -7.22 -17.67
N PRO A 32 -12.94 -8.06 -16.76
CA PRO A 32 -13.28 -9.46 -16.82
C PRO A 32 -14.73 -9.74 -16.51
N PRO A 33 -15.20 -10.92 -16.89
CA PRO A 33 -16.56 -11.30 -16.55
C PRO A 33 -16.72 -11.58 -15.08
N ILE A 34 -17.94 -11.41 -14.61
CA ILE A 34 -18.32 -11.85 -13.33
C ILE A 34 -18.68 -13.33 -13.39
N LEU A 35 -17.88 -14.14 -12.72
CA LEU A 35 -18.06 -15.57 -12.76
C LEU A 35 -18.99 -16.04 -11.66
N TYR A 36 -19.46 -17.25 -11.83
CA TYR A 36 -20.41 -17.83 -10.94
C TYR A 36 -19.83 -19.01 -10.25
N SER A 37 -20.33 -19.24 -9.08
CA SER A 37 -19.96 -20.41 -8.38
C SER A 37 -20.64 -21.57 -9.06
N GLU A 38 -19.97 -22.69 -9.07
CA GLU A 38 -20.53 -23.86 -9.66
C GLU A 38 -21.36 -24.58 -8.59
N SER A 49 -16.98 -27.59 2.19
CA SER A 49 -17.73 -27.20 1.01
C SER A 49 -17.54 -25.72 0.56
N MET A 50 -17.80 -24.79 1.45
CA MET A 50 -17.66 -23.39 1.12
C MET A 50 -16.26 -23.01 0.65
N MET A 51 -15.22 -23.52 1.30
CA MET A 51 -13.88 -23.20 0.86
C MET A 51 -13.58 -23.80 -0.50
N GLY A 52 -14.14 -24.94 -0.77
CA GLY A 52 -13.93 -25.53 -2.06
C GLY A 52 -14.53 -24.74 -3.18
N LEU A 53 -15.74 -24.27 -2.95
CA LEU A 53 -16.40 -23.43 -3.89
C LEU A 53 -15.62 -22.12 -4.14
N LEU A 54 -15.21 -21.50 -3.05
CA LEU A 54 -14.42 -20.28 -3.11
C LEU A 54 -13.09 -20.44 -3.84
N THR A 55 -12.45 -21.56 -3.64
CA THR A 55 -11.17 -21.86 -4.22
C THR A 55 -11.33 -22.14 -5.72
N ASN A 56 -12.37 -22.88 -6.09
CA ASN A 56 -12.67 -23.13 -7.49
C ASN A 56 -12.95 -21.85 -8.23
N LEU A 57 -13.65 -20.95 -7.56
CA LEU A 57 -13.99 -19.67 -8.10
C LEU A 57 -12.76 -18.86 -8.36
N ALA A 58 -11.91 -18.74 -7.36
CA ALA A 58 -10.69 -17.99 -7.54
C ALA A 58 -9.83 -18.52 -8.72
N ASP A 59 -9.70 -19.83 -8.76
CA ASP A 59 -8.93 -20.51 -9.79
C ASP A 59 -9.42 -20.16 -11.18
N ARG A 60 -10.74 -20.11 -11.34
CA ARG A 60 -11.29 -19.77 -12.62
C ARG A 60 -11.13 -18.30 -12.94
N GLU A 61 -11.16 -17.47 -11.93
CA GLU A 61 -11.02 -16.06 -12.16
C GLU A 61 -9.61 -15.67 -12.65
N LEU A 62 -8.64 -16.45 -12.23
CA LEU A 62 -7.23 -16.16 -12.51
C LEU A 62 -6.97 -16.05 -14.00
N VAL A 63 -7.57 -16.96 -14.74
CA VAL A 63 -7.43 -16.97 -16.16
C VAL A 63 -7.92 -15.69 -16.78
N HIS A 64 -9.07 -15.24 -16.34
CA HIS A 64 -9.62 -14.03 -16.83
C HIS A 64 -8.83 -12.81 -16.31
N MET A 65 -8.27 -12.91 -15.13
CA MET A 65 -7.37 -11.87 -14.63
C MET A 65 -6.19 -11.62 -15.60
N ILE A 66 -5.58 -12.67 -16.12
CA ILE A 66 -4.48 -12.52 -17.05
C ILE A 66 -4.91 -11.84 -18.33
N ASN A 67 -6.05 -12.23 -18.89
CA ASN A 67 -6.51 -11.59 -20.08
C ASN A 67 -6.75 -10.10 -19.89
N TRP A 68 -7.22 -9.76 -18.70
CA TRP A 68 -7.45 -8.38 -18.32
C TRP A 68 -6.13 -7.61 -18.25
N ALA A 69 -5.20 -8.18 -17.53
CA ALA A 69 -3.87 -7.60 -17.38
C ALA A 69 -3.24 -7.30 -18.74
N LYS A 70 -3.33 -8.26 -19.67
CA LYS A 70 -2.85 -8.08 -21.02
C LYS A 70 -3.49 -6.95 -21.82
N ARG A 71 -4.64 -6.50 -21.37
CA ARG A 71 -5.39 -5.42 -21.96
C ARG A 71 -5.27 -4.05 -21.21
N VAL A 72 -4.52 -4.04 -20.12
CA VAL A 72 -4.14 -2.82 -19.44
C VAL A 72 -3.00 -2.20 -20.26
N PRO A 73 -3.19 -0.98 -20.71
CA PRO A 73 -2.23 -0.31 -21.58
C PRO A 73 -0.84 -0.31 -20.97
N GLY A 74 0.13 -0.68 -21.78
CA GLY A 74 1.47 -0.79 -21.31
C GLY A 74 1.93 -2.10 -20.74
N PHE A 75 1.02 -2.94 -20.27
CA PHE A 75 1.40 -4.14 -19.61
C PHE A 75 2.17 -5.09 -20.50
N VAL A 76 1.67 -5.30 -21.71
CA VAL A 76 2.33 -6.22 -22.64
C VAL A 76 3.61 -5.66 -23.21
N ASP A 77 3.89 -4.40 -22.93
CA ASP A 77 5.15 -3.81 -23.31
C ASP A 77 6.29 -4.36 -22.44
N LEU A 78 5.95 -4.89 -21.28
CA LEU A 78 6.90 -5.37 -20.34
C LEU A 78 7.39 -6.76 -20.76
N THR A 79 8.46 -7.21 -20.14
CA THR A 79 8.95 -8.58 -20.33
C THR A 79 7.98 -9.58 -19.73
N LEU A 80 7.95 -10.78 -20.31
N LEU A 80 7.98 -10.80 -20.28
CA LEU A 80 7.17 -11.84 -19.73
CA LEU A 80 7.15 -11.84 -19.72
C LEU A 80 7.50 -12.06 -18.27
C LEU A 80 7.49 -12.07 -18.28
N HIS A 81 8.77 -12.06 -17.94
CA HIS A 81 9.22 -12.20 -16.58
C HIS A 81 8.64 -11.16 -15.61
N ASP A 82 8.67 -9.93 -16.02
CA ASP A 82 8.13 -8.84 -15.22
C ASP A 82 6.59 -8.91 -15.11
N GLN A 83 5.97 -9.24 -16.23
CA GLN A 83 4.53 -9.50 -16.24
C GLN A 83 4.09 -10.53 -15.16
N VAL A 84 4.81 -11.65 -15.10
CA VAL A 84 4.61 -12.68 -14.10
C VAL A 84 4.83 -12.18 -12.70
N HIS A 85 5.90 -11.41 -12.54
CA HIS A 85 6.24 -10.87 -11.26
C HIS A 85 5.15 -9.93 -10.75
N LEU A 86 4.73 -9.04 -11.58
CA LEU A 86 3.65 -8.12 -11.19
C LEU A 86 2.37 -8.89 -10.80
N LEU A 87 1.99 -9.88 -11.57
CA LEU A 87 0.78 -10.64 -11.23
C LEU A 87 0.94 -11.50 -10.02
N GLU A 88 2.12 -12.10 -9.88
CA GLU A 88 2.42 -12.91 -8.73
C GLU A 88 2.31 -12.10 -7.45
N SER A 89 2.67 -10.84 -7.57
N SER A 89 2.67 -10.82 -7.55
CA SER A 89 2.62 -9.92 -6.46
CA SER A 89 2.58 -9.90 -6.41
C SER A 89 1.23 -9.37 -6.18
C SER A 89 1.19 -9.39 -6.16
N ALA A 90 0.40 -9.22 -7.21
CA ALA A 90 -0.83 -8.49 -7.08
C ALA A 90 -2.14 -9.30 -7.10
N TRP A 91 -2.04 -10.57 -7.43
CA TRP A 91 -3.25 -11.34 -7.70
C TRP A 91 -4.28 -11.33 -6.57
N LEU A 92 -3.85 -11.45 -5.32
CA LEU A 92 -4.81 -11.49 -4.22
C LEU A 92 -5.44 -10.11 -3.98
N GLU A 93 -4.64 -9.06 -4.03
CA GLU A 93 -5.14 -7.70 -4.04
C GLU A 93 -6.21 -7.45 -5.10
N ILE A 94 -5.93 -7.95 -6.30
CA ILE A 94 -6.82 -7.80 -7.41
C ILE A 94 -8.11 -8.57 -7.19
N LEU A 95 -8.03 -9.80 -6.71
CA LEU A 95 -9.24 -10.53 -6.32
C LEU A 95 -10.03 -9.71 -5.29
N MET A 96 -9.34 -9.17 -4.31
CA MET A 96 -9.98 -8.46 -3.20
C MET A 96 -10.69 -7.18 -3.58
N ILE A 97 -10.04 -6.31 -4.34
CA ILE A 97 -10.68 -5.09 -4.74
C ILE A 97 -11.92 -5.36 -5.64
N GLY A 98 -11.86 -6.41 -6.43
CA GLY A 98 -12.99 -6.83 -7.19
C GLY A 98 -14.14 -7.32 -6.31
N LEU A 99 -13.80 -8.05 -5.26
CA LEU A 99 -14.78 -8.56 -4.34
C LEU A 99 -15.45 -7.40 -3.60
N VAL A 100 -14.62 -6.52 -3.09
CA VAL A 100 -15.06 -5.33 -2.39
C VAL A 100 -15.96 -4.44 -3.28
N TRP A 101 -15.61 -4.33 -4.55
CA TRP A 101 -16.40 -3.61 -5.52
C TRP A 101 -17.78 -4.25 -5.75
N ARG A 102 -17.78 -5.55 -6.01
CA ARG A 102 -19.01 -6.29 -6.23
C ARG A 102 -19.93 -6.24 -5.03
N SER A 103 -19.35 -6.02 -3.87
CA SER A 103 -20.04 -6.19 -2.60
C SER A 103 -20.56 -4.86 -2.03
N MET A 104 -20.20 -3.80 -2.71
CA MET A 104 -20.44 -2.45 -2.28
C MET A 104 -21.91 -2.17 -2.05
N GLU A 105 -22.77 -2.80 -2.83
CA GLU A 105 -24.19 -2.64 -2.68
C GLU A 105 -24.87 -3.71 -1.84
N HIS A 106 -24.08 -4.44 -1.10
CA HIS A 106 -24.60 -5.47 -0.27
C HIS A 106 -24.02 -5.38 1.12
N PRO A 107 -24.49 -4.40 1.89
CA PRO A 107 -24.05 -4.17 3.24
C PRO A 107 -24.03 -5.41 4.09
N GLY A 108 -22.90 -5.65 4.72
CA GLY A 108 -22.67 -6.77 5.57
C GLY A 108 -22.55 -8.14 4.91
N LYS A 109 -22.47 -8.14 3.61
CA LYS A 109 -22.32 -9.37 2.87
C LYS A 109 -21.22 -9.21 1.83
N LEU A 110 -20.67 -10.33 1.43
CA LEU A 110 -19.71 -10.35 0.37
C LEU A 110 -20.23 -11.12 -0.86
N LEU A 111 -20.17 -10.51 -2.01
CA LEU A 111 -20.67 -11.12 -3.24
C LEU A 111 -19.49 -11.74 -4.00
N PHE A 112 -19.10 -12.89 -3.51
CA PHE A 112 -18.07 -13.67 -4.16
C PHE A 112 -18.56 -13.99 -5.59
N ALA A 113 -19.83 -14.35 -5.67
CA ALA A 113 -20.49 -14.54 -6.92
C ALA A 113 -21.96 -14.20 -6.80
N PRO A 114 -22.61 -13.90 -7.91
CA PRO A 114 -24.02 -13.56 -7.88
C PRO A 114 -24.86 -14.64 -7.20
N ASN A 115 -24.35 -15.86 -7.20
CA ASN A 115 -24.99 -16.96 -6.51
C ASN A 115 -24.22 -17.47 -5.31
N LEU A 116 -23.37 -16.63 -4.76
CA LEU A 116 -22.58 -16.95 -3.60
C LEU A 116 -22.35 -15.70 -2.81
N LEU A 117 -23.39 -15.30 -2.10
CA LEU A 117 -23.40 -14.11 -1.31
C LEU A 117 -23.32 -14.53 0.12
N LEU A 118 -22.21 -14.23 0.76
CA LEU A 118 -21.92 -14.73 2.08
C LEU A 118 -21.94 -13.63 3.15
N ASP A 119 -22.40 -13.99 4.33
CA ASP A 119 -22.27 -13.10 5.46
C ASP A 119 -21.20 -13.54 6.43
N ARG A 120 -20.99 -12.68 7.39
CA ARG A 120 -20.05 -12.83 8.47
C ARG A 120 -20.11 -14.18 9.20
N ASN A 121 -21.29 -14.65 9.59
CA ASN A 121 -21.44 -15.93 10.24
C ASN A 121 -21.05 -17.10 9.36
N GLN A 122 -21.27 -16.96 8.06
CA GLN A 122 -20.84 -17.98 7.14
C GLN A 122 -19.33 -18.02 7.12
N GLY A 123 -18.71 -16.89 7.36
CA GLY A 123 -17.27 -16.83 7.46
C GLY A 123 -16.69 -17.54 8.65
N LYS A 124 -17.45 -17.62 9.74
CA LYS A 124 -16.95 -18.26 10.95
C LYS A 124 -16.81 -19.75 10.76
N SER A 125 -17.55 -20.29 9.82
CA SER A 125 -17.53 -21.70 9.56
C SER A 125 -16.17 -22.15 9.14
N VAL A 126 -15.32 -21.21 8.76
CA VAL A 126 -13.99 -21.54 8.35
C VAL A 126 -12.99 -20.88 9.22
N GLU A 127 -12.12 -21.68 9.80
CA GLU A 127 -11.16 -21.20 10.76
C GLU A 127 -10.23 -20.15 10.19
N GLY A 128 -10.12 -19.04 10.91
CA GLY A 128 -9.33 -17.93 10.45
C GLY A 128 -9.95 -16.93 9.49
N MET A 129 -11.15 -17.19 9.02
CA MET A 129 -11.68 -16.37 7.95
C MET A 129 -12.38 -15.06 8.35
N VAL A 130 -13.12 -15.02 9.45
CA VAL A 130 -13.90 -13.82 9.77
C VAL A 130 -13.09 -12.57 9.91
N GLU A 131 -11.84 -12.71 10.32
CA GLU A 131 -11.04 -11.56 10.48
C GLU A 131 -10.81 -10.91 9.10
N ILE A 132 -10.54 -11.72 8.09
CA ILE A 132 -10.39 -11.24 6.72
C ILE A 132 -11.74 -10.70 6.18
N PHE A 133 -12.79 -11.46 6.44
CA PHE A 133 -14.14 -11.10 6.14
C PHE A 133 -14.49 -9.71 6.61
N ASP A 134 -14.20 -9.46 7.88
CA ASP A 134 -14.52 -8.20 8.50
C ASP A 134 -13.74 -7.08 7.90
N MET A 135 -12.51 -7.36 7.51
CA MET A 135 -11.71 -6.39 6.81
C MET A 135 -12.22 -6.06 5.42
N LEU A 136 -12.60 -7.07 4.69
CA LEU A 136 -13.17 -6.92 3.36
C LEU A 136 -14.46 -6.08 3.39
N LEU A 137 -15.32 -6.43 4.33
CA LEU A 137 -16.59 -5.74 4.55
C LEU A 137 -16.43 -4.25 4.89
N ALA A 138 -15.48 -3.93 5.74
CA ALA A 138 -15.15 -2.56 6.07
C ALA A 138 -14.63 -1.78 4.90
N THR A 139 -13.88 -2.43 4.05
CA THR A 139 -13.39 -1.79 2.87
C THR A 139 -14.55 -1.53 1.88
N SER A 140 -15.48 -2.47 1.80
CA SER A 140 -16.66 -2.34 0.95
C SER A 140 -17.50 -1.15 1.44
N SER A 141 -17.67 -1.10 2.75
N SER A 141 -17.67 -1.07 2.74
CA SER A 141 -18.34 0.03 3.42
CA SER A 141 -18.43 0.03 3.28
C SER A 141 -17.69 1.38 3.11
C SER A 141 -17.70 1.39 3.13
N ARG A 142 -16.38 1.38 3.14
CA ARG A 142 -15.62 2.56 2.84
C ARG A 142 -15.77 3.01 1.38
N PHE A 143 -15.77 2.06 0.45
CA PHE A 143 -16.06 2.37 -0.92
C PHE A 143 -17.49 2.95 -1.05
N ARG A 144 -18.41 2.41 -0.30
CA ARG A 144 -19.80 2.81 -0.38
C ARG A 144 -19.97 4.25 0.09
N MET A 145 -19.21 4.58 1.12
CA MET A 145 -19.30 5.86 1.76
C MET A 145 -18.71 6.91 0.83
N MET A 146 -17.76 6.50 0.02
CA MET A 146 -17.13 7.40 -0.92
C MET A 146 -17.85 7.46 -2.24
N ASN A 147 -18.86 6.64 -2.38
CA ASN A 147 -19.52 6.43 -3.65
C ASN A 147 -18.50 6.20 -4.80
N LEU A 148 -17.64 5.23 -4.62
CA LEU A 148 -16.72 4.89 -5.66
C LEU A 148 -17.44 4.63 -6.94
N GLN A 149 -16.94 5.22 -8.01
CA GLN A 149 -17.46 5.06 -9.35
C GLN A 149 -16.69 3.97 -10.13
N GLY A 150 -17.39 3.34 -11.04
CA GLY A 150 -16.82 2.27 -11.84
C GLY A 150 -15.57 2.65 -12.59
N GLU A 151 -15.58 3.85 -13.14
CA GLU A 151 -14.45 4.42 -13.83
C GLU A 151 -13.24 4.57 -12.90
N GLU A 152 -13.51 4.99 -11.68
CA GLU A 152 -12.51 5.07 -10.64
C GLU A 152 -11.97 3.68 -10.26
N PHE A 153 -12.86 2.72 -10.12
CA PHE A 153 -12.51 1.38 -9.73
C PHE A 153 -11.51 0.74 -10.68
N VAL A 154 -11.74 0.85 -11.97
CA VAL A 154 -10.86 0.17 -12.90
C VAL A 154 -9.45 0.83 -12.91
N CYS A 155 -9.39 2.12 -12.67
CA CYS A 155 -8.11 2.78 -12.61
C CYS A 155 -7.34 2.27 -11.39
N LEU A 156 -8.02 2.13 -10.25
CA LEU A 156 -7.40 1.65 -9.02
C LEU A 156 -6.86 0.20 -9.19
N LYS A 157 -7.64 -0.62 -9.87
CA LYS A 157 -7.32 -2.03 -10.02
C LYS A 157 -6.05 -2.13 -10.84
N SER A 158 -5.98 -1.26 -11.83
N SER A 158 -5.96 -1.25 -11.82
CA SER A 158 -4.85 -1.21 -12.75
CA SER A 158 -4.84 -1.29 -12.72
C SER A 158 -3.57 -0.73 -12.05
C SER A 158 -3.57 -0.72 -12.06
N ILE A 159 -3.75 0.31 -11.25
CA ILE A 159 -2.70 0.80 -10.37
C ILE A 159 -2.13 -0.34 -9.51
N ILE A 160 -2.99 -1.10 -8.87
CA ILE A 160 -2.57 -2.24 -8.12
C ILE A 160 -1.68 -3.23 -8.92
N LEU A 161 -2.13 -3.58 -10.10
CA LEU A 161 -1.39 -4.44 -11.00
C LEU A 161 0.03 -3.91 -11.27
N LEU A 162 0.16 -2.64 -11.53
CA LEU A 162 1.45 -2.09 -11.96
C LEU A 162 2.35 -1.68 -10.76
N ASN A 163 1.74 -1.41 -9.62
CA ASN A 163 2.47 -0.90 -8.47
C ASN A 163 2.94 -1.93 -7.46
N SER A 164 2.08 -2.92 -7.17
N SER A 164 2.08 -2.90 -7.17
CA SER A 164 2.33 -3.81 -6.07
CA SER A 164 2.32 -3.80 -6.09
C SER A 164 3.67 -4.56 -6.12
C SER A 164 3.67 -4.55 -6.13
N GLY A 165 4.13 -4.96 -7.30
CA GLY A 165 5.38 -5.64 -7.41
C GLY A 165 6.57 -4.82 -7.91
N VAL A 166 6.40 -3.53 -8.08
CA VAL A 166 7.40 -2.72 -8.73
C VAL A 166 8.63 -2.46 -7.85
N TYR A 167 8.50 -2.61 -6.55
CA TYR A 167 9.65 -2.35 -5.68
C TYR A 167 10.36 -3.65 -5.33
N THR A 168 9.93 -4.76 -5.89
CA THR A 168 10.53 -6.04 -5.55
C THR A 168 11.08 -6.80 -6.74
N PHE A 169 11.35 -6.07 -7.82
CA PHE A 169 12.10 -6.59 -8.92
C PHE A 169 13.52 -6.70 -8.35
N LEU A 170 14.01 -7.90 -8.17
CA LEU A 170 15.34 -8.09 -7.61
C LEU A 170 16.40 -8.12 -8.72
N SER A 171 16.64 -6.96 -9.30
CA SER A 171 17.42 -6.83 -10.49
C SER A 171 17.75 -5.41 -10.68
N SER A 172 18.98 -5.16 -11.07
CA SER A 172 19.39 -3.81 -11.36
C SER A 172 19.91 -3.65 -12.78
N THR A 173 19.54 -4.56 -13.67
CA THR A 173 19.94 -4.46 -15.06
C THR A 173 19.46 -3.19 -15.73
N LEU A 174 20.08 -2.81 -16.83
CA LEU A 174 19.60 -1.69 -17.60
C LEU A 174 18.18 -1.96 -18.10
N LYS A 175 17.90 -3.20 -18.46
CA LYS A 175 16.57 -3.54 -18.95
C LYS A 175 15.57 -3.37 -17.85
N SER A 176 15.94 -3.73 -16.66
N SER A 176 15.93 -3.74 -16.62
CA SER A 176 15.01 -3.62 -15.55
CA SER A 176 14.96 -3.60 -15.51
C SER A 176 14.69 -2.15 -15.24
C SER A 176 14.66 -2.13 -15.25
N LEU A 177 15.70 -1.30 -15.26
CA LEU A 177 15.52 0.13 -15.10
C LEU A 177 14.54 0.69 -16.12
N GLU A 178 14.68 0.28 -17.37
CA GLU A 178 13.79 0.66 -18.44
C GLU A 178 12.34 0.22 -18.16
N GLU A 179 12.20 -0.98 -17.65
CA GLU A 179 10.90 -1.52 -17.34
C GLU A 179 10.21 -0.66 -16.28
N LYS A 180 10.96 -0.36 -15.24
CA LYS A 180 10.38 0.33 -14.12
C LYS A 180 9.99 1.75 -14.49
N ASP A 181 10.77 2.37 -15.37
CA ASP A 181 10.48 3.72 -15.85
C ASP A 181 9.18 3.71 -16.65
N HIS A 182 8.98 2.66 -17.43
CA HIS A 182 7.80 2.52 -18.23
C HIS A 182 6.58 2.34 -17.32
N ILE A 183 6.74 1.49 -16.34
CA ILE A 183 5.68 1.24 -15.38
C ILE A 183 5.23 2.56 -14.71
N HIS A 184 6.18 3.35 -14.27
CA HIS A 184 5.85 4.59 -13.59
C HIS A 184 5.23 5.64 -14.51
N ARG A 185 5.61 5.63 -15.79
CA ARG A 185 4.97 6.47 -16.77
C ARG A 185 3.51 6.07 -17.02
N VAL A 186 3.26 4.78 -17.09
CA VAL A 186 1.90 4.32 -17.24
C VAL A 186 1.12 4.64 -15.98
N LEU A 187 1.71 4.43 -14.83
CA LEU A 187 1.08 4.77 -13.54
C LEU A 187 0.72 6.27 -13.51
N ASP A 188 1.64 7.11 -13.95
CA ASP A 188 1.41 8.55 -14.07
C ASP A 188 0.18 8.85 -14.98
N LYS A 189 0.06 8.16 -16.08
CA LYS A 189 -1.06 8.32 -16.97
C LYS A 189 -2.36 7.94 -16.27
N ILE A 190 -2.33 6.89 -15.49
CA ILE A 190 -3.52 6.51 -14.79
C ILE A 190 -3.92 7.57 -13.72
N THR A 191 -2.93 8.14 -13.05
CA THR A 191 -3.19 9.24 -12.14
C THR A 191 -3.86 10.42 -12.88
N ASP A 192 -3.30 10.80 -14.02
CA ASP A 192 -3.89 11.79 -14.90
C ASP A 192 -5.35 11.48 -15.25
N THR A 193 -5.64 10.20 -15.40
CA THR A 193 -6.97 9.75 -15.71
C THR A 193 -7.89 9.85 -14.54
N LEU A 194 -7.42 9.50 -13.37
CA LEU A 194 -8.24 9.64 -12.15
C LEU A 194 -8.63 11.11 -11.91
N ILE A 195 -7.67 12.00 -11.95
CA ILE A 195 -7.93 13.44 -11.78
C ILE A 195 -8.93 13.97 -12.82
N HIS A 196 -8.74 13.56 -14.07
CA HIS A 196 -9.62 13.88 -15.14
C HIS A 196 -11.04 13.47 -14.87
N LEU A 197 -11.23 12.27 -14.37
CA LEU A 197 -12.55 11.80 -14.00
C LEU A 197 -13.17 12.68 -12.93
N MET A 198 -12.38 13.05 -11.96
CA MET A 198 -12.86 13.82 -10.85
C MET A 198 -13.14 15.24 -11.26
N ALA A 199 -12.30 15.83 -12.09
CA ALA A 199 -12.60 17.15 -12.61
C ALA A 199 -13.91 17.15 -13.44
N LYS A 200 -14.07 16.18 -14.33
CA LYS A 200 -15.31 16.02 -15.09
C LYS A 200 -16.53 15.97 -14.22
N ALA A 201 -16.48 15.25 -13.12
CA ALA A 201 -17.58 15.18 -12.18
C ALA A 201 -17.84 16.48 -11.38
N GLY A 202 -17.05 17.51 -11.65
CA GLY A 202 -17.28 18.83 -11.11
C GLY A 202 -16.50 19.16 -9.86
N LEU A 203 -15.70 18.21 -9.39
CA LEU A 203 -14.85 18.41 -8.24
C LEU A 203 -13.91 19.57 -8.39
N THR A 204 -13.75 20.33 -7.32
CA THR A 204 -12.78 21.37 -7.31
C THR A 204 -11.42 20.76 -7.33
N LEU A 205 -10.42 21.56 -7.57
CA LEU A 205 -9.07 21.10 -7.59
C LEU A 205 -8.65 20.48 -6.23
N GLN A 206 -8.88 21.20 -5.15
CA GLN A 206 -8.62 20.72 -3.81
C GLN A 206 -9.35 19.40 -3.53
N GLN A 207 -10.59 19.28 -3.99
CA GLN A 207 -11.38 18.08 -3.75
C GLN A 207 -10.85 16.90 -4.59
N GLN A 208 -10.24 17.25 -5.71
CA GLN A 208 -9.64 16.25 -6.60
C GLN A 208 -8.46 15.62 -5.89
N HIS A 209 -7.51 16.43 -5.48
CA HIS A 209 -6.32 15.96 -4.79
C HIS A 209 -6.64 15.15 -3.55
N GLN A 210 -7.59 15.65 -2.77
CA GLN A 210 -8.03 14.97 -1.58
C GLN A 210 -8.66 13.60 -1.88
N ARG A 211 -9.49 13.53 -2.88
CA ARG A 211 -10.13 12.30 -3.27
C ARG A 211 -9.08 11.29 -3.84
N LEU A 212 -8.16 11.80 -4.65
CA LEU A 212 -7.03 11.02 -5.15
C LEU A 212 -6.29 10.38 -4.01
N ALA A 213 -5.93 11.17 -3.02
CA ALA A 213 -5.22 10.67 -1.87
C ALA A 213 -6.04 9.65 -1.05
N GLN A 214 -7.34 9.89 -0.89
CA GLN A 214 -8.16 9.02 -0.11
C GLN A 214 -8.21 7.61 -0.73
N LEU A 215 -8.31 7.59 -2.04
CA LEU A 215 -8.39 6.34 -2.80
C LEU A 215 -7.05 5.60 -2.79
N LEU A 216 -6.00 6.32 -3.05
CA LEU A 216 -4.72 5.70 -2.99
C LEU A 216 -4.34 5.15 -1.61
N LEU A 217 -4.76 5.80 -0.52
CA LEU A 217 -4.52 5.30 0.82
C LEU A 217 -5.31 4.00 1.10
N ILE A 218 -6.47 3.86 0.48
CA ILE A 218 -7.22 2.61 0.60
C ILE A 218 -6.42 1.41 0.07
N LEU A 219 -5.56 1.66 -0.91
CA LEU A 219 -4.72 0.62 -1.49
C LEU A 219 -3.74 0.04 -0.51
N SER A 220 -3.28 0.87 0.42
CA SER A 220 -2.48 0.41 1.51
C SER A 220 -3.20 -0.62 2.41
N HIS A 221 -4.44 -0.34 2.70
CA HIS A 221 -5.32 -1.23 3.45
C HIS A 221 -5.61 -2.56 2.71
N ILE A 222 -5.71 -2.46 1.39
CA ILE A 222 -5.93 -3.60 0.51
C ILE A 222 -4.68 -4.44 0.48
N ARG A 223 -3.53 -3.80 0.38
CA ARG A 223 -2.29 -4.55 0.51
C ARG A 223 -2.23 -5.35 1.83
N HIS A 224 -2.56 -4.66 2.92
CA HIS A 224 -2.59 -5.18 4.23
C HIS A 224 -3.48 -6.41 4.29
N MET A 225 -4.67 -6.26 3.72
CA MET A 225 -5.63 -7.36 3.71
C MET A 225 -5.07 -8.54 2.94
N SER A 226 -4.39 -8.22 1.87
CA SER A 226 -3.79 -9.22 1.03
C SER A 226 -2.73 -10.07 1.79
N ASN A 227 -1.87 -9.42 2.58
CA ASN A 227 -0.90 -10.14 3.34
C ASN A 227 -1.56 -11.03 4.42
N LYS A 228 -2.57 -10.49 5.10
CA LYS A 228 -3.32 -11.26 6.05
C LYS A 228 -4.00 -12.47 5.39
N GLY A 229 -4.43 -12.27 4.15
CA GLY A 229 -5.10 -13.28 3.37
C GLY A 229 -4.15 -14.37 2.94
N MET A 230 -2.98 -13.98 2.46
CA MET A 230 -1.95 -14.94 2.15
C MET A 230 -1.58 -15.84 3.31
N GLU A 231 -1.47 -15.28 4.51
CA GLU A 231 -1.23 -16.05 5.71
C GLU A 231 -2.32 -17.09 5.90
N HIS A 232 -3.53 -16.61 5.83
CA HIS A 232 -4.67 -17.41 6.02
C HIS A 232 -4.71 -18.54 4.99
N LEU A 233 -4.56 -18.23 3.71
CA LEU A 233 -4.55 -19.23 2.67
C LEU A 233 -3.45 -20.26 2.90
N TYR A 234 -2.31 -19.82 3.38
CA TYR A 234 -1.24 -20.71 3.69
C TYR A 234 -1.53 -21.66 4.89
N SER A 235 -2.20 -21.19 5.93
CA SER A 235 -2.59 -22.01 7.07
C SER A 235 -3.41 -23.20 6.62
N MET A 236 -4.12 -23.06 5.51
CA MET A 236 -4.84 -24.17 4.93
C MET A 236 -4.25 -24.70 3.62
N LYS A 237 -2.94 -24.73 3.50
CA LYS A 237 -2.38 -25.02 2.18
C LYS A 237 -2.71 -26.47 1.82
N ASN A 240 -0.94 -31.27 -3.36
CA ASN A 240 -0.06 -30.14 -3.41
C ASN A 240 0.03 -29.48 -4.77
N VAL A 241 0.62 -28.28 -4.77
CA VAL A 241 0.38 -27.28 -5.80
C VAL A 241 1.58 -27.03 -6.71
N VAL A 242 1.29 -26.77 -7.97
CA VAL A 242 2.19 -26.19 -8.96
C VAL A 242 2.62 -24.80 -8.50
N PRO A 243 3.89 -24.43 -8.67
CA PRO A 243 4.34 -23.08 -8.28
C PRO A 243 3.64 -22.01 -9.10
N LEU A 244 3.23 -20.92 -8.49
CA LEU A 244 2.30 -20.02 -9.18
C LEU A 244 2.90 -19.36 -10.39
N SER A 245 4.19 -19.12 -10.31
CA SER A 245 4.96 -18.52 -11.36
C SER A 245 4.79 -19.25 -12.67
N ASP A 246 4.88 -20.57 -12.64
CA ASP A 246 4.83 -21.32 -13.88
C ASP A 246 3.44 -21.30 -14.49
N LEU A 247 2.44 -21.34 -13.63
CA LEU A 247 1.07 -21.19 -14.07
C LEU A 247 0.82 -19.84 -14.69
N LEU A 248 1.34 -18.81 -14.06
CA LEU A 248 1.19 -17.51 -14.61
C LEU A 248 1.89 -17.43 -15.97
N LEU A 249 3.09 -17.94 -16.09
CA LEU A 249 3.77 -17.88 -17.39
C LEU A 249 2.96 -18.58 -18.50
N GLU A 250 2.49 -19.77 -18.19
CA GLU A 250 1.71 -20.54 -19.12
C GLU A 250 0.55 -19.75 -19.70
N MET A 251 -0.17 -19.07 -18.82
CA MET A 251 -1.28 -18.26 -19.25
C MET A 251 -0.84 -17.07 -20.01
N LEU A 252 0.25 -16.50 -19.55
CA LEU A 252 0.75 -15.23 -20.06
C LEU A 252 1.49 -15.46 -21.33
N ASP A 253 2.34 -16.48 -21.31
CA ASP A 253 3.21 -16.86 -22.42
C ASP A 253 2.40 -17.62 -23.41
N ALA A 254 1.62 -16.94 -24.18
CA ALA A 254 0.87 -17.62 -25.16
C ALA A 254 1.59 -17.57 -26.48
N HIS A 255 1.27 -18.47 -27.39
CA HIS A 255 1.84 -18.36 -28.70
C HIS A 255 1.05 -17.36 -29.54
N ARG A 256 1.44 -17.18 -30.79
CA ARG A 256 0.79 -16.20 -31.66
C ARG A 256 -0.03 -16.83 -32.73
N LEU A 257 -0.49 -18.03 -32.49
CA LEU A 257 -1.12 -18.80 -33.49
C LEU A 257 -2.65 -18.54 -33.53
N HIS A 258 -3.14 -17.90 -32.48
CA HIS A 258 -4.56 -17.66 -32.20
C HIS A 258 -5.39 -18.93 -32.10
N ALA B 15 -7.66 22.67 15.37
CA ALA B 15 -6.29 22.84 14.90
C ALA B 15 -6.05 22.36 13.44
N LEU B 16 -7.16 22.25 12.73
CA LEU B 16 -7.24 22.29 11.28
C LEU B 16 -6.93 23.66 10.73
N SER B 17 -6.70 24.61 11.62
CA SER B 17 -6.65 26.02 11.26
C SER B 17 -5.24 26.47 10.88
N LEU B 18 -4.27 25.56 10.95
CA LEU B 18 -2.92 25.86 10.56
C LEU B 18 -2.85 26.11 9.06
N THR B 19 -1.91 26.93 8.65
CA THR B 19 -1.52 27.04 7.26
C THR B 19 -0.63 25.88 6.90
N ALA B 20 -0.43 25.69 5.61
CA ALA B 20 0.48 24.70 5.10
C ALA B 20 1.88 24.89 5.67
N ASP B 21 2.34 26.13 5.64
CA ASP B 21 3.65 26.49 6.16
C ASP B 21 3.76 26.17 7.64
N GLN B 22 2.71 26.48 8.37
CA GLN B 22 2.67 26.18 9.77
C GLN B 22 2.68 24.66 10.07
N MET B 23 2.02 23.89 9.24
CA MET B 23 1.96 22.44 9.43
C MET B 23 3.35 21.85 9.22
N VAL B 24 4.00 22.24 8.15
CA VAL B 24 5.31 21.78 7.83
C VAL B 24 6.25 22.11 8.98
N SER B 25 6.17 23.34 9.45
CA SER B 25 6.94 23.81 10.58
CA SER B 25 6.95 23.79 10.59
C SER B 25 6.74 22.98 11.85
N ALA B 26 5.49 22.73 12.19
CA ALA B 26 5.20 21.93 13.32
C ALA B 26 5.73 20.47 13.17
N LEU B 27 5.63 19.94 11.98
CA LEU B 27 6.14 18.60 11.69
C LEU B 27 7.67 18.52 11.73
N LEU B 28 8.37 19.48 11.19
CA LEU B 28 9.82 19.48 11.23
C LEU B 28 10.36 19.59 12.66
N ASP B 29 9.73 20.39 13.47
CA ASP B 29 10.15 20.61 14.84
C ASP B 29 9.86 19.41 15.73
N ALA B 30 8.87 18.61 15.34
CA ALA B 30 8.44 17.45 16.08
C ALA B 30 9.35 16.26 15.85
N GLU B 31 10.19 16.35 14.85
CA GLU B 31 11.09 15.25 14.52
C GLU B 31 11.88 14.69 15.69
N PRO B 32 11.86 13.36 15.82
CA PRO B 32 12.61 12.70 16.85
C PRO B 32 14.11 12.70 16.59
N PRO B 33 14.91 12.55 17.63
CA PRO B 33 16.35 12.44 17.51
C PRO B 33 16.81 11.11 16.90
N ILE B 34 18.00 11.09 16.35
CA ILE B 34 18.66 9.86 16.01
C ILE B 34 19.32 9.23 17.21
N LEU B 35 18.87 8.03 17.56
CA LEU B 35 19.41 7.27 18.65
C LEU B 35 20.59 6.34 18.25
N TYR B 36 21.40 5.97 19.22
CA TYR B 36 22.54 5.11 19.02
C TYR B 36 22.33 3.74 19.63
N SER B 37 23.07 2.80 19.13
CA SER B 37 23.31 1.56 19.78
C SER B 37 24.42 1.73 20.85
N GLU B 38 24.62 0.72 21.68
CA GLU B 38 25.71 0.65 22.69
C GLU B 38 27.10 1.05 22.21
N SER B 49 24.42 -11.33 18.46
CA SER B 49 24.04 -10.14 19.23
C SER B 49 23.29 -9.08 18.42
N MET B 50 23.22 -9.25 17.12
CA MET B 50 22.63 -8.27 16.27
C MET B 50 21.17 -8.05 16.59
N MET B 51 20.46 -9.14 16.83
CA MET B 51 19.05 -9.00 17.02
C MET B 51 18.72 -8.32 18.38
N GLY B 52 19.50 -8.64 19.39
CA GLY B 52 19.44 -7.97 20.68
C GLY B 52 19.65 -6.47 20.59
N LEU B 53 20.67 -6.06 19.86
CA LEU B 53 20.92 -4.64 19.72
C LEU B 53 19.81 -3.94 18.95
N LEU B 54 19.35 -4.55 17.87
CA LEU B 54 18.25 -4.00 17.10
C LEU B 54 16.97 -3.81 17.90
N THR B 55 16.62 -4.84 18.66
CA THR B 55 15.46 -4.85 19.51
C THR B 55 15.55 -3.76 20.57
N ASN B 56 16.69 -3.67 21.23
CA ASN B 56 16.93 -2.62 22.19
C ASN B 56 16.80 -1.20 21.62
N LEU B 57 17.37 -0.97 20.45
CA LEU B 57 17.23 0.27 19.73
C LEU B 57 15.79 0.64 19.39
N ALA B 58 15.05 -0.27 18.79
CA ALA B 58 13.66 -0.05 18.42
C ALA B 58 12.82 0.27 19.65
N ASP B 59 13.08 -0.45 20.71
CA ASP B 59 12.37 -0.23 21.97
C ASP B 59 12.56 1.19 22.50
N ARG B 60 13.75 1.71 22.32
CA ARG B 60 14.04 3.07 22.72
C ARG B 60 13.50 4.09 21.76
N GLU B 61 13.47 3.78 20.50
CA GLU B 61 12.87 4.67 19.55
C GLU B 61 11.37 4.86 19.78
N LEU B 62 10.74 3.82 20.28
CA LEU B 62 9.29 3.87 20.45
C LEU B 62 8.80 5.04 21.32
N VAL B 63 9.49 5.29 22.42
CA VAL B 63 9.12 6.34 23.35
C VAL B 63 9.15 7.69 22.66
N HIS B 64 10.21 7.90 21.89
CA HIS B 64 10.35 9.10 21.12
C HIS B 64 9.31 9.21 20.04
N MET B 65 8.91 8.08 19.49
CA MET B 65 7.87 8.06 18.48
C MET B 65 6.58 8.56 19.09
N ILE B 66 6.28 8.11 20.29
CA ILE B 66 5.10 8.52 21.02
C ILE B 66 5.08 10.05 21.24
N ASN B 67 6.22 10.62 21.53
CA ASN B 67 6.29 12.05 21.74
C ASN B 67 6.21 12.84 20.48
N TRP B 68 6.68 12.25 19.39
CA TRP B 68 6.53 12.82 18.08
C TRP B 68 5.07 12.88 17.68
N ALA B 69 4.38 11.79 17.93
CA ALA B 69 3.00 11.64 17.56
C ALA B 69 2.11 12.70 18.25
N LYS B 70 2.41 12.91 19.52
CA LYS B 70 1.72 13.90 20.30
C LYS B 70 1.82 15.28 19.70
N ARG B 71 2.83 15.54 18.91
CA ARG B 71 3.01 16.83 18.32
C ARG B 71 2.53 16.90 16.88
N VAL B 72 2.03 15.80 16.36
CA VAL B 72 1.39 15.83 15.07
C VAL B 72 0.04 16.46 15.23
N PRO B 73 -0.16 17.59 14.57
CA PRO B 73 -1.38 18.37 14.64
C PRO B 73 -2.58 17.49 14.41
N GLY B 74 -3.53 17.58 15.32
CA GLY B 74 -4.71 16.75 15.32
C GLY B 74 -4.71 15.45 16.07
N PHE B 75 -3.54 14.95 16.45
CA PHE B 75 -3.45 13.65 17.08
C PHE B 75 -4.01 13.61 18.52
N VAL B 76 -3.70 14.62 19.30
CA VAL B 76 -4.19 14.71 20.67
C VAL B 76 -5.64 15.03 20.79
N ASP B 77 -6.32 15.26 19.68
CA ASP B 77 -7.74 15.55 19.70
C ASP B 77 -8.50 14.28 19.68
N LEU B 78 -7.79 13.22 19.36
CA LEU B 78 -8.36 11.91 19.37
C LEU B 78 -8.47 11.37 20.79
N THR B 79 -9.40 10.47 21.01
CA THR B 79 -9.38 9.72 22.23
C THR B 79 -8.10 8.94 22.39
N LEU B 80 -7.72 8.70 23.63
CA LEU B 80 -6.55 7.92 23.93
C LEU B 80 -6.68 6.54 23.35
N HIS B 81 -7.89 6.02 23.39
CA HIS B 81 -8.13 4.75 22.79
C HIS B 81 -7.69 4.76 21.32
N ASP B 82 -8.05 5.81 20.63
CA ASP B 82 -7.76 5.92 19.21
C ASP B 82 -6.26 6.25 18.97
N GLN B 83 -5.70 7.16 19.75
CA GLN B 83 -4.27 7.44 19.72
C GLN B 83 -3.46 6.14 19.83
N VAL B 84 -3.81 5.31 20.79
CA VAL B 84 -3.16 4.06 21.07
C VAL B 84 -3.33 3.09 19.90
N HIS B 85 -4.50 3.11 19.29
CA HIS B 85 -4.82 2.25 18.19
C HIS B 85 -4.01 2.59 16.96
N LEU B 86 -3.89 3.85 16.67
CA LEU B 86 -3.09 4.29 15.56
C LEU B 86 -1.63 3.86 15.77
N LEU B 87 -1.11 4.11 16.96
CA LEU B 87 0.26 3.80 17.29
C LEU B 87 0.57 2.32 17.27
N GLU B 88 -0.36 1.51 17.74
CA GLU B 88 -0.17 0.07 17.78
C GLU B 88 -0.06 -0.46 16.35
N SER B 89 -0.83 0.13 15.46
N SER B 89 -0.81 0.15 15.48
CA SER B 89 -0.93 -0.28 14.06
CA SER B 89 -0.95 -0.29 14.11
C SER B 89 0.18 0.27 13.17
C SER B 89 0.15 0.29 13.17
N ALA B 90 0.67 1.46 13.51
CA ALA B 90 1.62 2.15 12.66
C ALA B 90 3.14 2.09 13.05
N TRP B 91 3.45 1.66 14.26
CA TRP B 91 4.80 1.82 14.81
C TRP B 91 5.93 1.24 13.91
N LEU B 92 5.76 0.03 13.36
CA LEU B 92 6.82 -0.57 12.56
C LEU B 92 6.99 0.15 11.23
N GLU B 93 5.89 0.56 10.62
CA GLU B 93 5.90 1.40 9.42
C GLU B 93 6.70 2.70 9.65
N ILE B 94 6.49 3.30 10.81
CA ILE B 94 7.15 4.53 11.16
C ILE B 94 8.65 4.34 11.37
N LEU B 95 9.02 3.26 12.01
CA LEU B 95 10.41 2.89 12.19
C LEU B 95 11.06 2.64 10.81
N MET B 96 10.31 2.02 9.92
CA MET B 96 10.83 1.69 8.60
C MET B 96 11.09 2.91 7.71
N ILE B 97 10.13 3.83 7.66
CA ILE B 97 10.30 4.94 6.80
C ILE B 97 11.46 5.83 7.32
N GLY B 98 11.59 5.95 8.63
CA GLY B 98 12.72 6.66 9.20
C GLY B 98 14.06 6.02 8.88
N LEU B 99 14.09 4.70 8.98
CA LEU B 99 15.23 3.95 8.60
C LEU B 99 15.62 4.17 7.15
N VAL B 100 14.65 4.05 6.27
CA VAL B 100 14.88 4.24 4.87
C VAL B 100 15.37 5.67 4.59
N TRP B 101 14.77 6.64 5.26
CA TRP B 101 15.12 8.03 5.11
C TRP B 101 16.59 8.28 5.45
N ARG B 102 17.05 7.78 6.58
CA ARG B 102 18.43 8.01 7.00
C ARG B 102 19.42 7.02 6.31
N SER B 103 18.89 6.11 5.54
CA SER B 103 19.73 5.22 4.80
C SER B 103 19.96 5.64 3.33
N MET B 104 19.36 6.73 2.91
CA MET B 104 19.43 7.16 1.51
C MET B 104 20.84 7.32 1.00
N GLU B 105 21.73 7.78 1.84
CA GLU B 105 23.07 8.15 1.42
C GLU B 105 24.04 7.04 1.69
N HIS B 106 23.53 5.92 2.10
CA HIS B 106 24.34 4.76 2.30
C HIS B 106 23.88 3.60 1.39
N PRO B 107 24.06 3.80 0.08
CA PRO B 107 23.87 2.75 -0.91
C PRO B 107 24.31 1.41 -0.48
N GLY B 108 23.40 0.46 -0.54
CA GLY B 108 23.69 -0.90 -0.18
C GLY B 108 23.66 -1.18 1.31
N LYS B 109 23.33 -0.17 2.10
CA LYS B 109 23.31 -0.32 3.56
C LYS B 109 22.12 0.32 4.27
N LEU B 110 21.87 -0.17 5.46
CA LEU B 110 20.85 0.38 6.30
C LEU B 110 21.48 0.94 7.61
N LEU B 111 21.28 2.22 7.82
CA LEU B 111 21.73 2.95 9.01
C LEU B 111 20.71 2.87 10.14
N PHE B 112 20.67 1.72 10.78
CA PHE B 112 19.81 1.53 11.94
C PHE B 112 20.17 2.59 13.02
N ALA B 113 21.47 2.83 13.14
CA ALA B 113 22.06 3.87 13.97
C ALA B 113 23.44 4.27 13.38
N PRO B 114 23.90 5.47 13.69
CA PRO B 114 25.24 5.88 13.24
C PRO B 114 26.31 4.85 13.56
N ASN B 115 26.14 4.10 14.63
CA ASN B 115 27.07 3.05 14.95
C ASN B 115 26.53 1.68 14.74
N LEU B 116 25.51 1.57 13.92
CA LEU B 116 24.93 0.29 13.59
C LEU B 116 24.53 0.29 12.12
N LEU B 117 25.52 0.44 11.26
CA LEU B 117 25.38 0.47 9.84
C LEU B 117 25.64 -0.91 9.28
N LEU B 118 24.60 -1.51 8.72
CA LEU B 118 24.62 -2.89 8.30
C LEU B 118 24.33 -3.08 6.78
N ASP B 119 25.03 -4.02 6.16
CA ASP B 119 24.78 -4.37 4.78
C ASP B 119 23.90 -5.61 4.72
N ARG B 120 23.54 -6.04 3.53
CA ARG B 120 22.64 -7.16 3.40
C ARG B 120 23.31 -8.46 3.85
N ASN B 121 24.60 -8.57 3.70
CA ASN B 121 25.29 -9.76 4.17
C ASN B 121 25.22 -9.92 5.68
N GLN B 122 25.18 -8.79 6.37
CA GLN B 122 24.95 -8.76 7.79
C GLN B 122 23.50 -9.10 8.12
N GLY B 123 22.58 -8.81 7.22
CA GLY B 123 21.20 -9.20 7.41
C GLY B 123 20.94 -10.67 7.18
N LYS B 124 21.67 -11.26 6.24
CA LYS B 124 21.53 -12.69 5.92
C LYS B 124 21.85 -13.54 7.12
N SER B 125 22.57 -12.95 8.07
CA SER B 125 22.98 -13.59 9.32
C SER B 125 21.85 -13.98 10.26
N VAL B 126 20.71 -13.32 10.10
CA VAL B 126 19.53 -13.62 10.86
C VAL B 126 18.50 -14.23 9.93
N GLU B 127 18.02 -15.41 10.27
CA GLU B 127 17.11 -16.16 9.43
C GLU B 127 15.84 -15.39 9.16
N GLY B 128 15.58 -15.03 7.91
CA GLY B 128 14.33 -14.41 7.57
C GLY B 128 14.40 -12.91 7.40
N MET B 129 15.56 -12.33 7.63
CA MET B 129 15.72 -10.88 7.55
C MET B 129 16.11 -10.32 6.18
N VAL B 130 16.91 -11.05 5.42
CA VAL B 130 17.47 -10.51 4.20
C VAL B 130 16.41 -10.11 3.18
N GLU B 131 15.27 -10.77 3.19
CA GLU B 131 14.20 -10.41 2.27
C GLU B 131 13.64 -9.03 2.58
N ILE B 132 13.34 -8.79 3.87
CA ILE B 132 12.91 -7.47 4.33
C ILE B 132 14.02 -6.40 4.16
N PHE B 133 15.25 -6.78 4.41
CA PHE B 133 16.39 -5.95 4.15
C PHE B 133 16.45 -5.42 2.73
N ASP B 134 16.31 -6.33 1.77
CA ASP B 134 16.32 -5.97 0.37
C ASP B 134 15.15 -5.03 0.04
N MET B 135 14.00 -5.28 0.62
CA MET B 135 12.91 -4.38 0.41
C MET B 135 13.17 -2.97 0.94
N LEU B 136 13.75 -2.86 2.11
CA LEU B 136 14.09 -1.55 2.70
C LEU B 136 15.09 -0.79 1.81
N LEU B 137 16.08 -1.52 1.30
CA LEU B 137 17.04 -0.99 0.35
C LEU B 137 16.42 -0.47 -0.95
N ALA B 138 15.50 -1.23 -1.53
CA ALA B 138 14.71 -0.79 -2.66
C ALA B 138 13.91 0.45 -2.35
N THR B 139 13.38 0.55 -1.14
CA THR B 139 12.65 1.74 -0.80
C THR B 139 13.59 2.98 -0.70
N SER B 140 14.78 2.77 -0.22
CA SER B 140 15.72 3.84 -0.08
C SER B 140 16.16 4.28 -1.46
N SER B 141 16.32 3.31 -2.35
CA SER B 141 16.63 3.58 -3.76
C SER B 141 15.54 4.34 -4.45
N ARG B 142 14.30 4.03 -4.14
CA ARG B 142 13.18 4.75 -4.69
C ARG B 142 13.14 6.18 -4.18
N PHE B 143 13.39 6.37 -2.88
CA PHE B 143 13.39 7.70 -2.31
C PHE B 143 14.50 8.57 -2.96
N ARG B 144 15.61 7.92 -3.21
CA ARG B 144 16.74 8.54 -3.83
C ARG B 144 16.40 8.93 -5.26
N MET B 145 15.77 8.05 -6.02
CA MET B 145 15.40 8.40 -7.36
C MET B 145 14.32 9.48 -7.43
N MET B 146 13.49 9.54 -6.41
CA MET B 146 12.46 10.56 -6.33
C MET B 146 12.96 11.88 -5.80
N ASN B 147 14.16 11.88 -5.26
CA ASN B 147 14.74 13.00 -4.55
C ASN B 147 13.73 13.55 -3.52
N LEU B 148 13.30 12.66 -2.66
CA LEU B 148 12.37 12.96 -1.61
C LEU B 148 12.94 14.06 -0.72
N GLN B 149 12.11 15.03 -0.44
CA GLN B 149 12.46 16.13 0.44
C GLN B 149 12.00 15.91 1.89
N GLY B 150 12.76 16.50 2.80
CA GLY B 150 12.45 16.49 4.21
C GLY B 150 11.04 16.84 4.56
N GLU B 151 10.54 17.90 3.96
CA GLU B 151 9.20 18.35 4.26
C GLU B 151 8.15 17.34 3.80
N GLU B 152 8.48 16.66 2.72
CA GLU B 152 7.67 15.59 2.16
C GLU B 152 7.68 14.40 3.08
N PHE B 153 8.85 14.08 3.59
CA PHE B 153 9.07 12.98 4.45
C PHE B 153 8.26 13.10 5.73
N VAL B 154 8.16 14.30 6.28
CA VAL B 154 7.45 14.42 7.53
C VAL B 154 5.97 14.35 7.30
N CYS B 155 5.50 14.80 6.16
CA CYS B 155 4.09 14.65 5.87
C CYS B 155 3.74 13.14 5.68
N LEU B 156 4.58 12.43 4.92
CA LEU B 156 4.36 11.00 4.70
C LEU B 156 4.24 10.23 5.99
N LYS B 157 5.14 10.53 6.90
CA LYS B 157 5.19 9.87 8.15
C LYS B 157 3.90 10.16 8.97
N SER B 158 3.42 11.37 8.88
CA SER B 158 2.16 11.75 9.50
C SER B 158 0.97 11.03 8.91
N ILE B 159 1.01 10.87 7.59
CA ILE B 159 0.01 10.11 6.87
C ILE B 159 0.03 8.67 7.32
N ILE B 160 1.20 8.06 7.45
CA ILE B 160 1.26 6.70 7.95
C ILE B 160 0.58 6.51 9.34
N LEU B 161 0.86 7.42 10.25
CA LEU B 161 0.28 7.43 11.57
C LEU B 161 -1.24 7.46 11.50
N LEU B 162 -1.79 8.41 10.78
CA LEU B 162 -3.23 8.60 10.77
C LEU B 162 -3.99 7.60 9.86
N ASN B 163 -3.28 6.99 8.92
CA ASN B 163 -3.91 6.04 8.01
C ASN B 163 -3.71 4.58 8.37
N SER B 164 -2.82 4.24 9.27
CA SER B 164 -2.58 2.85 9.30
C SER B 164 -3.60 2.07 10.15
N GLY B 165 -4.44 2.72 10.92
CA GLY B 165 -5.43 1.97 11.64
C GLY B 165 -6.88 2.34 11.32
N VAL B 166 -7.07 3.30 10.44
CA VAL B 166 -8.39 3.91 10.23
C VAL B 166 -9.43 2.90 9.71
N TYR B 167 -8.95 1.78 9.20
CA TYR B 167 -9.75 0.69 8.67
C TYR B 167 -9.52 -0.59 9.45
N LYS B 180 -13.44 8.83 13.03
CA LYS B 180 -12.98 8.61 11.66
C LYS B 180 -12.94 9.92 10.91
N ASP B 181 -13.92 10.77 11.15
CA ASP B 181 -14.10 11.98 10.40
C ASP B 181 -13.05 13.03 10.62
N HIS B 182 -12.66 13.24 11.86
CA HIS B 182 -11.62 14.19 12.18
C HIS B 182 -10.28 13.72 11.62
N ILE B 183 -10.00 12.45 11.80
CA ILE B 183 -8.87 11.77 11.20
C ILE B 183 -8.78 12.03 9.69
N HIS B 184 -9.87 11.82 8.96
CA HIS B 184 -9.89 12.14 7.55
C HIS B 184 -9.70 13.64 7.25
N ARG B 185 -10.25 14.49 8.11
CA ARG B 185 -10.12 15.91 7.93
C ARG B 185 -8.62 16.30 8.02
N VAL B 186 -7.94 15.69 8.96
CA VAL B 186 -6.53 16.00 9.14
C VAL B 186 -5.70 15.40 7.99
N LEU B 187 -6.11 14.21 7.56
CA LEU B 187 -5.47 13.59 6.42
C LEU B 187 -5.61 14.47 5.19
N ASP B 188 -6.79 15.01 4.97
CA ASP B 188 -7.04 15.91 3.88
C ASP B 188 -6.11 17.10 4.01
N LYS B 189 -5.91 17.58 5.23
CA LYS B 189 -5.08 18.74 5.48
C LYS B 189 -3.64 18.49 5.12
N ILE B 190 -3.17 17.29 5.40
CA ILE B 190 -1.82 16.92 5.04
C ILE B 190 -1.64 16.74 3.52
N THR B 191 -2.67 16.27 2.85
CA THR B 191 -2.69 16.22 1.40
C THR B 191 -2.54 17.63 0.79
N ASP B 192 -3.33 18.58 1.30
CA ASP B 192 -3.22 19.97 0.91
C ASP B 192 -1.80 20.47 1.09
N THR B 193 -1.23 20.14 2.22
CA THR B 193 0.10 20.56 2.57
C THR B 193 1.18 20.03 1.67
N LEU B 194 1.06 18.78 1.27
CA LEU B 194 1.99 18.19 0.28
C LEU B 194 1.92 18.86 -1.07
N ILE B 195 0.71 19.09 -1.52
CA ILE B 195 0.43 19.75 -2.75
C ILE B 195 1.07 21.14 -2.69
N HIS B 196 0.92 21.79 -1.54
CA HIS B 196 1.41 23.16 -1.33
C HIS B 196 2.88 23.20 -1.52
N LEU B 197 3.55 22.25 -0.93
CA LEU B 197 4.97 22.12 -1.02
C LEU B 197 5.46 21.88 -2.44
N MET B 198 4.69 21.11 -3.20
CA MET B 198 5.04 20.83 -4.58
C MET B 198 4.76 22.02 -5.49
N ALA B 199 3.69 22.74 -5.21
CA ALA B 199 3.41 23.96 -5.93
C ALA B 199 4.54 24.95 -5.75
N LYS B 200 5.09 24.97 -4.54
CA LYS B 200 6.14 25.90 -4.19
C LYS B 200 7.49 25.47 -4.66
N ALA B 201 7.58 24.30 -5.22
CA ALA B 201 8.81 23.91 -5.81
C ALA B 201 8.79 24.17 -7.29
N GLY B 202 7.66 24.60 -7.80
CA GLY B 202 7.54 24.93 -9.19
C GLY B 202 6.91 23.91 -10.15
N LEU B 203 6.34 22.86 -9.59
CA LEU B 203 5.77 21.79 -10.36
C LEU B 203 4.47 22.24 -10.95
N THR B 204 4.24 21.88 -12.20
CA THR B 204 2.95 22.02 -12.81
C THR B 204 1.87 21.28 -12.00
N LEU B 205 0.63 21.67 -12.16
CA LEU B 205 -0.47 20.96 -11.53
C LEU B 205 -0.41 19.44 -11.86
N GLN B 206 0.05 19.10 -13.05
CA GLN B 206 0.06 17.71 -13.48
C GLN B 206 1.15 16.98 -12.78
N GLN B 207 2.28 17.63 -12.65
CA GLN B 207 3.35 17.09 -11.91
C GLN B 207 2.99 16.93 -10.43
N GLN B 208 2.16 17.83 -9.92
CA GLN B 208 1.82 17.82 -8.53
C GLN B 208 1.04 16.55 -8.20
N HIS B 209 -0.04 16.29 -8.92
CA HIS B 209 -0.86 15.14 -8.60
C HIS B 209 -0.15 13.82 -8.96
N GLN B 210 0.73 13.87 -9.96
CA GLN B 210 1.56 12.74 -10.30
C GLN B 210 2.50 12.41 -9.17
N ARG B 211 3.14 13.40 -8.57
CA ARG B 211 4.09 13.15 -7.48
C ARG B 211 3.35 12.73 -6.21
N LEU B 212 2.22 13.35 -5.95
CA LEU B 212 1.40 13.02 -4.79
C LEU B 212 1.06 11.51 -4.79
N ALA B 213 0.55 11.07 -5.93
CA ALA B 213 0.31 9.67 -6.22
C ALA B 213 1.56 8.79 -6.03
N GLN B 214 2.67 9.16 -6.59
CA GLN B 214 3.88 8.40 -6.43
C GLN B 214 4.29 8.19 -4.97
N LEU B 215 4.16 9.23 -4.17
CA LEU B 215 4.53 9.17 -2.78
C LEU B 215 3.56 8.27 -1.97
N LEU B 216 2.28 8.40 -2.20
CA LEU B 216 1.27 7.63 -1.50
C LEU B 216 1.27 6.13 -1.86
N LEU B 217 1.64 5.82 -3.08
CA LEU B 217 1.83 4.43 -3.51
C LEU B 217 3.06 3.76 -2.85
N ILE B 218 4.12 4.53 -2.61
CA ILE B 218 5.21 4.05 -1.78
C ILE B 218 4.73 3.56 -0.41
N LEU B 219 3.70 4.20 0.14
CA LEU B 219 3.19 3.80 1.46
C LEU B 219 2.54 2.42 1.47
N SER B 220 2.05 2.00 0.30
CA SER B 220 1.58 0.63 0.12
C SER B 220 2.73 -0.37 0.32
N HIS B 221 3.84 -0.05 -0.29
CA HIS B 221 5.05 -0.86 -0.13
C HIS B 221 5.53 -0.85 1.34
N ILE B 222 5.41 0.28 2.02
CA ILE B 222 5.83 0.34 3.40
C ILE B 222 4.92 -0.49 4.31
N ARG B 223 3.62 -0.40 4.12
CA ARG B 223 2.71 -1.25 4.82
C ARG B 223 3.06 -2.72 4.59
N HIS B 224 3.42 -3.05 3.36
CA HIS B 224 3.74 -4.40 2.96
C HIS B 224 4.95 -4.90 3.75
N MET B 225 5.98 -4.09 3.75
CA MET B 225 7.18 -4.36 4.50
C MET B 225 6.87 -4.55 5.99
N SER B 226 6.03 -3.68 6.54
CA SER B 226 5.62 -3.83 7.92
C SER B 226 4.92 -5.17 8.20
N ASN B 227 3.99 -5.56 7.32
CA ASN B 227 3.30 -6.84 7.42
C ASN B 227 4.31 -7.98 7.44
N LYS B 228 5.23 -7.97 6.47
CA LYS B 228 6.25 -8.97 6.38
C LYS B 228 7.23 -8.98 7.58
N GLY B 229 7.56 -7.81 8.09
CA GLY B 229 8.42 -7.65 9.24
C GLY B 229 7.75 -8.19 10.49
N MET B 230 6.50 -7.84 10.66
CA MET B 230 5.73 -8.36 11.77
C MET B 230 5.69 -9.90 11.77
N GLU B 231 5.44 -10.50 10.60
CA GLU B 231 5.52 -11.95 10.41
C GLU B 231 6.89 -12.49 10.83
N HIS B 232 7.92 -11.75 10.52
CA HIS B 232 9.26 -12.17 10.77
C HIS B 232 9.51 -12.12 12.26
N LEU B 233 9.18 -11.03 12.89
CA LEU B 233 9.44 -10.82 14.31
C LEU B 233 8.71 -11.82 15.14
N TYR B 234 7.47 -12.11 14.81
CA TYR B 234 6.73 -13.13 15.48
C TYR B 234 7.16 -14.57 15.18
N SER B 235 7.95 -14.80 14.15
CA SER B 235 8.41 -16.16 13.89
C SER B 235 9.73 -16.42 14.63
N SER B 238 7.74 -15.04 19.39
CA SER B 238 6.29 -15.20 19.50
C SER B 238 5.78 -14.11 20.39
N LYS B 239 4.61 -13.58 20.09
CA LYS B 239 4.14 -12.34 20.71
C LYS B 239 3.59 -12.47 22.12
N ASN B 240 3.81 -11.43 22.90
CA ASN B 240 3.43 -11.39 24.32
C ASN B 240 1.94 -11.55 24.58
N VAL B 241 1.63 -12.06 25.76
CA VAL B 241 0.26 -12.08 26.27
C VAL B 241 -0.16 -10.65 26.60
N VAL B 242 0.65 -9.92 27.38
CA VAL B 242 0.40 -8.49 27.72
C VAL B 242 0.29 -7.58 26.49
N PRO B 243 -0.79 -6.80 26.38
CA PRO B 243 -0.97 -5.94 25.19
C PRO B 243 0.06 -4.82 25.04
N LEU B 244 0.41 -4.47 23.82
CA LEU B 244 1.29 -3.32 23.54
C LEU B 244 0.58 -2.02 23.82
N SER B 245 -0.74 -2.09 23.74
CA SER B 245 -1.60 -0.94 24.04
C SER B 245 -1.37 -0.40 25.42
N ASP B 246 -1.13 -1.26 26.39
CA ASP B 246 -0.85 -0.81 27.73
C ASP B 246 0.47 -0.07 27.89
N LEU B 247 1.50 -0.56 27.23
CA LEU B 247 2.76 0.13 27.19
C LEU B 247 2.62 1.50 26.56
N LEU B 248 1.96 1.56 25.43
CA LEU B 248 1.74 2.82 24.76
C LEU B 248 0.96 3.84 25.62
N LEU B 249 -0.09 3.37 26.27
CA LEU B 249 -0.89 4.19 27.16
C LEU B 249 -0.04 4.80 28.24
N GLU B 250 0.83 4.01 28.81
CA GLU B 250 1.70 4.49 29.87
C GLU B 250 2.79 5.50 29.38
N MET B 251 3.25 5.36 28.16
CA MET B 251 4.21 6.29 27.62
C MET B 251 3.61 7.66 27.37
N LEU B 252 2.32 7.71 27.14
CA LEU B 252 1.68 8.98 26.91
C LEU B 252 1.53 9.82 28.17
N ASP B 253 1.84 9.26 29.32
CA ASP B 253 1.76 9.94 30.59
C ASP B 253 2.98 10.78 30.89
CAE 29S C . -3.56 -20.33 -6.27
CAD 29S C . -3.32 -18.83 -6.45
CAC 29S C . -4.05 -18.22 -7.63
CAB 29S C . -5.54 -18.51 -7.72
CAA 29S C . -6.15 -19.13 -6.50
CAG 29S C . -5.76 -20.55 -6.30
NAF 29S C . -4.66 -20.73 -5.61
CAH 29S C . -4.60 -20.42 -4.36
CAI 29S C . -5.86 -20.40 -3.47
OAJ 29S C . -6.27 -19.10 -3.48
CAK 29S C . -7.55 -18.75 -3.00
CAL 29S C . -7.90 -17.43 -3.09
CAM 29S C . -9.11 -16.94 -2.64
CAP 29S C . -8.43 -19.62 -2.44
CAO 29S C . -9.65 -19.12 -1.97
CAN 29S C . -10.02 -17.78 -2.06
CAQ 29S C . -11.42 -17.20 -1.58
NAR 29S C . -11.49 -15.81 -1.93
CAS 29S C . -11.94 -15.31 -3.10
CBD 29S C . -12.50 -15.97 -4.21
CBE 29S C . -12.88 -15.27 -5.34
CBF 29S C . -12.76 -13.88 -5.39
OBI 29S C . -13.15 -13.20 -6.54
CBG 29S C . -12.20 -13.20 -4.28
CAT 29S C . -11.78 -13.95 -3.14
CAU 29S C . -11.23 -13.64 -1.87
CBH 29S C . -10.85 -12.28 -1.43
CAV 29S C . -11.08 -14.85 -1.18
CAW 29S C . -10.43 -15.05 0.16
CAX 29S C . -9.09 -15.02 0.18
CAY 29S C . -8.38 -15.20 1.32
CAZ 29S C . -9.01 -15.44 2.49
OBC 29S C . -8.26 -15.61 3.64
CBA 29S C . -10.38 -15.48 2.52
CBB 29S C . -11.08 -15.29 1.34
CAE 29S D . 8.63 -4.25 21.08
CAD 29S D . 7.19 -3.93 20.87
CAC 29S D . 6.89 -2.89 19.82
CAB 29S D . 7.79 -1.70 19.75
CAA 29S D . 9.15 -2.00 19.20
CAG 29S D . 9.86 -3.18 19.77
NAF 29S D . 9.22 -4.31 19.92
CAH 29S D . 10.03 -5.26 19.94
CAI 29S D . 10.35 -5.90 18.58
OAJ 29S D . 10.40 -4.97 17.57
CAK 29S D . 11.59 -4.89 16.78
CAL 29S D . 12.74 -5.62 16.95
CAM 29S D . 13.79 -5.43 16.03
CAP 29S D . 11.51 -4.01 15.73
CAO 29S D . 12.56 -3.83 14.86
CAN 29S D . 13.71 -4.55 14.98
CAQ 29S D . 14.84 -4.27 13.91
NAR 29S D . 14.49 -3.16 13.09
CAS 29S D . 14.64 -1.89 13.41
CBD 29S D . 15.18 -1.21 14.56
CBE 29S D . 15.24 0.15 14.64
CBF 29S D . 14.77 0.92 13.59
OBI 29S D . 14.81 2.31 13.66
CBG 29S D . 14.22 0.30 12.47
CAT 29S D . 14.17 -1.09 12.39
CAU 29S D . 13.69 -2.00 11.39
CBH 29S D . 13.07 -1.63 10.07
CAV 29S D . 13.90 -3.25 11.91
CAW 29S D . 13.60 -4.54 11.19
CAX 29S D . 12.80 -5.51 11.73
CAY 29S D . 12.55 -6.70 11.08
CAZ 29S D . 13.11 -6.94 9.87
OBC 29S D . 12.90 -8.16 9.19
CBA 29S D . 13.93 -5.99 9.29
CBB 29S D . 14.16 -4.80 9.95
#